data_2HNS
#
_entry.id   2HNS
#
_entity_poly.entity_id   1
_entity_poly.type   'polyribonucleotide'
_entity_poly.pdbx_seq_one_letter_code
;GGCGUGAUCAAGUGAUCGCGCC
;
_entity_poly.pdbx_strand_id   A
#